data_7KBW
#
_entry.id   7KBW
#
loop_
_entity.id
_entity.type
_entity.pdbx_description
1 polymer Myc2345
2 non-polymer 2-[(~{E})-2-(3-methoxy-4-oxidanyl-phenyl)ethenyl]-1-methyl-quinoline-4-carboxamide
#
_entity_poly.entity_id   1
_entity_poly.type   'polydeoxyribonucleotide'
_entity_poly.pdbx_seq_one_letter_code
;(DT)(DG)(DA)(DG)(DG)(DG)(DT)(DG)(DG)(DG)(DT)(DA)(DG)(DG)(DG)(DT)(DG)(DG)(DG)(DG)
(DA)(DA)
;
_entity_poly.pdbx_strand_id   A
#